data_3KES
#
_entry.id   3KES
#
_cell.length_a   135.052
_cell.length_b   135.052
_cell.length_c   56.154
_cell.angle_alpha   90.000
_cell.angle_beta   90.000
_cell.angle_gamma   120.000
#
_symmetry.space_group_name_H-M   'P 61'
#
loop_
_entity.id
_entity.type
_entity.pdbx_description
1 polymer 'Nucleoporin NUP145'
2 non-polymer 1,2-ETHANEDIOL
3 water water
#
_entity_poly.entity_id   1
_entity_poly.type   'polypeptide(L)'
_entity_poly.pdbx_seq_one_letter_code
;(MSE)SLNKQDGENTLQHEKSSSFGYWCSPSPEQLERLSLKQLAAVSNFVIGRRGYGCITFQHDVDLTAFTKSFREELFG
KIVIFRSSKTVEVYPDEATKP(MSE)IGHGLNVPAIITLENVYPVDKKTKKP(MSE)KDTTKFAEFQVFDRKLRS(MSE)
RE(MSE)NYISYNPFGGTWTFKVNHFEGHHHHHH
;
_entity_poly.pdbx_strand_id   A,B
#
# COMPACT_ATOMS: atom_id res chain seq x y z
N PHE A 20 -13.91 -16.73 -7.69
CA PHE A 20 -14.34 -16.62 -6.24
C PHE A 20 -13.72 -15.33 -5.64
N GLY A 21 -14.00 -14.19 -6.27
CA GLY A 21 -13.35 -12.93 -5.93
C GLY A 21 -12.01 -12.69 -6.64
N TYR A 22 -11.47 -13.71 -7.30
CA TYR A 22 -10.19 -13.60 -8.03
C TYR A 22 -10.30 -12.70 -9.24
N TRP A 23 -9.25 -11.94 -9.50
CA TRP A 23 -9.17 -11.06 -10.67
C TRP A 23 -7.71 -10.83 -11.06
N CYS A 24 -7.47 -10.40 -12.28
CA CYS A 24 -6.15 -10.03 -12.74
C CYS A 24 -6.20 -9.00 -13.83
N SER A 25 -5.07 -8.35 -14.05
CA SER A 25 -4.94 -7.38 -15.12
C SER A 25 -3.58 -7.56 -15.79
N PRO A 26 -3.53 -7.69 -17.15
CA PRO A 26 -4.66 -7.80 -18.09
C PRO A 26 -5.57 -8.95 -17.70
N SER A 27 -6.84 -8.82 -18.01
CA SER A 27 -7.84 -9.78 -17.61
C SER A 27 -7.63 -11.05 -18.41
N PRO A 28 -8.21 -12.17 -17.94
CA PRO A 28 -8.07 -13.42 -18.68
C PRO A 28 -8.42 -13.33 -20.15
N GLU A 29 -9.49 -12.61 -20.44
CA GLU A 29 -10.00 -12.50 -21.78
C GLU A 29 -9.10 -11.63 -22.56
N GLN A 30 -8.43 -10.66 -21.94
CA GLN A 30 -7.40 -9.94 -22.67
C GLN A 30 -6.14 -10.78 -22.92
N LEU A 31 -5.76 -11.61 -21.96
CA LEU A 31 -4.52 -12.37 -22.13
C LEU A 31 -4.65 -13.33 -23.34
N GLU A 32 -5.88 -13.78 -23.57
CA GLU A 32 -6.24 -14.58 -24.75
C GLU A 32 -5.90 -13.97 -26.10
N ARG A 33 -5.70 -12.67 -26.17
CA ARG A 33 -5.37 -12.07 -27.45
C ARG A 33 -3.90 -12.10 -27.73
N LEU A 34 -3.07 -12.43 -26.75
CA LEU A 34 -1.64 -12.34 -26.93
C LEU A 34 -1.06 -13.58 -27.64
N SER A 35 -0.07 -13.35 -28.46
CA SER A 35 0.68 -14.45 -29.06
C SER A 35 1.50 -15.15 -27.97
N LEU A 36 1.98 -16.38 -28.23
CA LEU A 36 2.92 -17.05 -27.33
C LEU A 36 4.17 -16.21 -27.05
N LYS A 37 4.69 -15.52 -28.04
CA LYS A 37 5.86 -14.66 -27.77
C LYS A 37 5.56 -13.51 -26.78
N GLN A 38 4.40 -12.88 -26.92
CA GLN A 38 4.01 -11.75 -26.05
C GLN A 38 3.75 -12.26 -24.66
N LEU A 39 3.16 -13.46 -24.60
CA LEU A 39 2.80 -14.11 -23.38
C LEU A 39 3.99 -14.43 -22.49
N ALA A 40 5.16 -14.49 -23.10
CA ALA A 40 6.38 -14.80 -22.40
C ALA A 40 6.89 -13.59 -21.61
N ALA A 41 6.35 -12.40 -21.88
CA ALA A 41 6.81 -11.15 -21.25
C ALA A 41 5.59 -10.21 -21.05
N VAL A 42 4.68 -10.59 -20.17
CA VAL A 42 3.51 -9.77 -19.88
C VAL A 42 3.93 -8.69 -18.84
N SER A 43 3.79 -7.46 -19.27
CA SER A 43 4.01 -6.26 -18.48
C SER A 43 2.86 -5.85 -17.59
N ASN A 44 3.20 -5.31 -16.43
CA ASN A 44 2.19 -4.77 -15.51
C ASN A 44 1.19 -5.80 -15.03
N PHE A 45 1.63 -7.02 -14.82
CA PHE A 45 0.69 -8.06 -14.39
C PHE A 45 0.36 -7.87 -12.92
N VAL A 46 -0.93 -7.93 -12.61
CA VAL A 46 -1.44 -7.84 -11.26
C VAL A 46 -2.47 -8.94 -11.08
N ILE A 47 -2.47 -9.59 -9.93
CA ILE A 47 -3.43 -10.64 -9.64
C ILE A 47 -3.80 -10.51 -8.19
N GLY A 48 -5.10 -10.50 -7.93
CA GLY A 48 -5.59 -10.47 -6.55
C GLY A 48 -6.85 -11.30 -6.30
N ARG A 49 -7.31 -11.24 -5.07
CA ARG A 49 -8.60 -11.78 -4.65
C ARG A 49 -9.30 -10.78 -3.71
N ARG A 50 -10.49 -10.35 -4.12
CA ARG A 50 -11.23 -9.32 -3.39
C ARG A 50 -11.48 -9.76 -1.97
N GLY A 51 -11.11 -8.92 -1.01
CA GLY A 51 -11.23 -9.25 0.39
C GLY A 51 -10.02 -9.90 1.02
N TYR A 52 -9.02 -10.24 0.20
CA TYR A 52 -7.88 -10.99 0.63
C TYR A 52 -6.54 -10.26 0.35
N GLY A 53 -6.39 -9.74 -0.87
CA GLY A 53 -5.15 -9.02 -1.22
C GLY A 53 -4.85 -9.00 -2.68
N CYS A 54 -3.58 -8.71 -2.97
CA CYS A 54 -3.18 -8.46 -4.34
CA CYS A 54 -3.17 -8.58 -4.35
C CYS A 54 -1.65 -8.60 -4.48
N ILE A 55 -1.23 -9.03 -5.66
CA ILE A 55 0.17 -9.18 -5.99
C ILE A 55 0.40 -8.34 -7.23
N THR A 56 1.34 -7.43 -7.12
CA THR A 56 1.76 -6.56 -8.20
C THR A 56 3.19 -6.93 -8.57
N PHE A 57 3.33 -7.56 -9.74
CA PHE A 57 4.66 -7.98 -10.22
C PHE A 57 5.54 -6.78 -10.62
N GLN A 58 6.82 -6.87 -10.25
CA GLN A 58 7.78 -5.80 -10.48
C GLN A 58 8.48 -5.93 -11.84
N HIS A 59 8.49 -7.13 -12.38
CA HIS A 59 9.07 -7.42 -13.69
C HIS A 59 8.00 -8.07 -14.57
N ASP A 60 8.31 -8.17 -15.85
CA ASP A 60 7.55 -8.98 -16.82
C ASP A 60 7.43 -10.39 -16.39
N VAL A 61 6.28 -10.96 -16.67
CA VAL A 61 6.02 -12.32 -16.27
C VAL A 61 5.74 -13.18 -17.53
N ASP A 62 6.05 -14.45 -17.40
CA ASP A 62 5.82 -15.42 -18.49
C ASP A 62 4.63 -16.23 -18.10
N LEU A 63 3.54 -16.07 -18.85
CA LEU A 63 2.31 -16.78 -18.57
C LEU A 63 2.06 -17.92 -19.60
N THR A 64 3.07 -18.26 -20.41
CA THR A 64 2.92 -19.30 -21.44
C THR A 64 2.50 -20.67 -20.89
N ALA A 65 2.83 -20.97 -19.64
CA ALA A 65 2.36 -22.21 -19.04
C ALA A 65 0.86 -22.29 -18.82
N PHE A 66 0.12 -21.20 -18.96
CA PHE A 66 -1.28 -21.18 -18.52
C PHE A 66 -2.27 -20.99 -19.65
N THR A 67 -1.82 -21.20 -20.89
CA THR A 67 -2.67 -20.93 -22.06
C THR A 67 -3.99 -21.72 -22.12
N LYS A 68 -4.00 -22.92 -21.53
CA LYS A 68 -5.23 -23.73 -21.38
C LYS A 68 -6.43 -22.88 -21.00
N SER A 69 -6.33 -22.26 -19.82
CA SER A 69 -7.36 -21.35 -19.32
C SER A 69 -6.70 -20.52 -18.23
N PHE A 70 -6.45 -19.26 -18.56
CA PHE A 70 -5.81 -18.34 -17.63
C PHE A 70 -6.61 -18.34 -16.35
N ARG A 71 -7.92 -18.20 -16.51
CA ARG A 71 -8.85 -18.21 -15.39
C ARG A 71 -8.76 -19.49 -14.53
N GLU A 72 -8.72 -20.67 -15.15
CA GLU A 72 -8.78 -21.91 -14.34
C GLU A 72 -7.43 -22.28 -13.77
N GLU A 73 -6.38 -21.95 -14.50
CA GLU A 73 -5.03 -22.18 -14.03
C GLU A 73 -4.64 -21.21 -12.92
N LEU A 74 -4.93 -19.92 -13.11
CA LEU A 74 -4.40 -18.93 -12.16
C LEU A 74 -5.25 -18.79 -10.91
N PHE A 75 -6.57 -18.74 -11.09
CA PHE A 75 -7.45 -18.35 -10.01
C PHE A 75 -7.73 -19.47 -9.00
N GLY A 76 -6.84 -19.61 -8.02
CA GLY A 76 -7.02 -20.56 -6.94
C GLY A 76 -6.29 -21.86 -7.09
N LYS A 77 -5.51 -21.97 -8.16
CA LYS A 77 -4.64 -23.12 -8.36
C LYS A 77 -3.17 -22.65 -8.29
N ILE A 78 -2.75 -21.84 -9.26
CA ILE A 78 -1.36 -21.36 -9.26
C ILE A 78 -1.16 -20.26 -8.18
N VAL A 79 -2.18 -19.42 -8.04
CA VAL A 79 -2.19 -18.35 -7.04
C VAL A 79 -3.37 -18.59 -6.12
N ILE A 80 -3.06 -18.76 -4.83
CA ILE A 80 -4.09 -19.02 -3.85
C ILE A 80 -4.05 -17.99 -2.74
N PHE A 81 -5.09 -17.18 -2.64
CA PHE A 81 -5.31 -16.35 -1.45
C PHE A 81 -6.23 -17.10 -0.47
N ARG A 82 -5.71 -17.40 0.70
CA ARG A 82 -6.41 -18.23 1.67
C ARG A 82 -6.98 -17.42 2.80
N SER A 83 -7.98 -18.03 3.42
CA SER A 83 -8.64 -17.51 4.60
C SER A 83 -7.69 -17.44 5.80
N SER A 84 -6.61 -18.21 5.82
CA SER A 84 -5.56 -18.06 6.85
C SER A 84 -4.76 -16.73 6.78
N LYS A 85 -5.22 -15.79 5.93
CA LYS A 85 -4.56 -14.49 5.71
C LYS A 85 -3.14 -14.64 5.11
N THR A 86 -2.99 -15.60 4.18
CA THR A 86 -1.73 -15.83 3.47
C THR A 86 -2.00 -15.91 1.95
N VAL A 87 -0.91 -15.93 1.16
CA VAL A 87 -1.01 -16.15 -0.31
C VAL A 87 0.13 -17.08 -0.70
N GLU A 88 -0.16 -18.06 -1.55
CA GLU A 88 0.91 -18.87 -2.14
C GLU A 88 0.87 -18.86 -3.65
N VAL A 89 2.05 -18.87 -4.23
CA VAL A 89 2.17 -18.87 -5.68
C VAL A 89 2.97 -20.15 -5.96
N TYR A 90 2.47 -20.97 -6.86
CA TYR A 90 3.05 -22.30 -7.17
C TYR A 90 3.06 -23.20 -5.96
N PRO A 91 1.90 -23.48 -5.39
CA PRO A 91 1.87 -24.33 -4.21
C PRO A 91 2.28 -25.81 -4.51
N ASP A 92 2.23 -26.24 -5.78
CA ASP A 92 2.74 -27.57 -6.23
C ASP A 92 4.16 -27.40 -6.72
N GLU A 93 5.10 -27.99 -6.00
CA GLU A 93 6.51 -27.85 -6.35
C GLU A 93 6.87 -28.32 -7.76
N ALA A 94 6.05 -29.21 -8.36
CA ALA A 94 6.25 -29.62 -9.77
C ALA A 94 5.96 -28.53 -10.77
N THR A 95 5.12 -27.58 -10.39
CA THR A 95 4.72 -26.49 -11.31
C THR A 95 5.63 -25.29 -11.24
N LYS A 96 6.60 -25.32 -10.35
CA LYS A 96 7.33 -24.11 -9.96
C LYS A 96 8.59 -23.92 -10.76
N PRO A 97 8.64 -22.88 -11.60
CA PRO A 97 9.84 -22.71 -12.36
C PRO A 97 10.94 -22.11 -11.51
N ILE A 99 13.77 -19.30 -10.24
CA ILE A 99 13.79 -17.86 -10.00
C ILE A 99 14.12 -17.11 -11.29
N GLY A 100 13.29 -16.11 -11.59
CA GLY A 100 13.42 -15.34 -12.81
C GLY A 100 12.50 -15.79 -13.92
N HIS A 101 11.81 -16.91 -13.72
CA HIS A 101 10.95 -17.50 -14.76
C HIS A 101 9.52 -17.59 -14.28
N GLY A 102 8.60 -17.63 -15.24
CA GLY A 102 7.19 -17.70 -14.90
C GLY A 102 6.80 -16.54 -14.02
N LEU A 103 6.02 -16.81 -12.97
CA LEU A 103 5.63 -15.83 -11.99
C LEU A 103 6.59 -15.77 -10.82
N ASN A 104 7.72 -16.48 -10.89
CA ASN A 104 8.65 -16.62 -9.77
C ASN A 104 9.66 -15.46 -9.85
N VAL A 105 9.13 -14.25 -9.66
CA VAL A 105 9.87 -13.02 -9.90
C VAL A 105 9.50 -12.02 -8.78
N PRO A 106 10.25 -10.90 -8.68
CA PRO A 106 9.91 -9.97 -7.60
C PRO A 106 8.50 -9.41 -7.69
N ALA A 107 7.87 -9.20 -6.54
CA ALA A 107 6.52 -8.63 -6.49
C ALA A 107 6.21 -7.90 -5.19
N ILE A 108 5.24 -6.98 -5.25
CA ILE A 108 4.76 -6.28 -4.08
C ILE A 108 3.42 -6.87 -3.77
N ILE A 109 3.22 -7.22 -2.51
CA ILE A 109 2.05 -7.91 -2.05
C ILE A 109 1.37 -7.14 -0.94
N THR A 110 0.04 -7.03 -1.06
CA THR A 110 -0.79 -6.55 0.05
C THR A 110 -1.71 -7.71 0.48
N LEU A 111 -1.70 -8.00 1.77
CA LEU A 111 -2.64 -8.96 2.38
C LEU A 111 -3.54 -8.18 3.33
N GLU A 112 -4.84 -8.47 3.30
CA GLU A 112 -5.86 -7.79 4.11
C GLU A 112 -6.18 -8.64 5.37
N ASN A 113 -6.70 -7.98 6.40
CA ASN A 113 -7.13 -8.61 7.63
C ASN A 113 -6.06 -9.42 8.32
N VAL A 114 -4.86 -8.85 8.39
CA VAL A 114 -3.69 -9.49 9.01
C VAL A 114 -3.51 -8.86 10.40
N TYR A 115 -3.64 -9.67 11.44
CA TYR A 115 -3.74 -9.15 12.83
C TYR A 115 -2.88 -9.94 13.78
N PRO A 116 -2.51 -9.36 14.94
CA PRO A 116 -1.77 -10.17 15.92
C PRO A 116 -2.64 -11.31 16.46
N VAL A 117 -2.04 -12.31 17.10
CA VAL A 117 -2.80 -13.45 17.67
C VAL A 117 -3.25 -13.14 19.09
N PRO A 124 -6.68 -14.30 17.28
CA PRO A 124 -6.80 -13.26 16.23
C PRO A 124 -7.28 -11.94 16.83
N LYS A 126 -8.07 -8.44 16.83
CA LYS A 126 -8.45 -7.34 15.95
C LYS A 126 -8.80 -6.02 16.69
N ASP A 127 -8.42 -5.89 17.97
CA ASP A 127 -8.83 -4.72 18.80
C ASP A 127 -7.81 -3.57 18.80
N THR A 128 -8.11 -2.53 18.02
CA THR A 128 -7.18 -1.43 17.79
C THR A 128 -6.91 -0.56 19.03
N THR A 129 -7.76 -0.67 20.05
CA THR A 129 -7.58 0.07 21.31
C THR A 129 -6.35 -0.42 22.12
N LYS A 130 -5.95 -1.67 21.87
CA LYS A 130 -4.75 -2.27 22.40
C LYS A 130 -3.59 -1.94 21.47
N PHE A 131 -3.30 -0.65 21.37
CA PHE A 131 -2.37 -0.16 20.36
C PHE A 131 -0.96 -0.67 20.57
N ALA A 132 -0.54 -0.78 21.84
CA ALA A 132 0.76 -1.31 22.17
C ALA A 132 1.01 -2.70 21.59
N GLU A 133 -0.02 -3.53 21.58
CA GLU A 133 0.08 -4.87 21.05
C GLU A 133 0.27 -4.83 19.51
N PHE A 134 -0.47 -3.94 18.83
CA PHE A 134 -0.22 -3.66 17.40
C PHE A 134 1.19 -3.20 17.13
N GLN A 135 1.79 -2.43 18.04
CA GLN A 135 3.17 -1.98 17.86
C GLN A 135 4.18 -3.13 17.98
N VAL A 136 3.93 -4.08 18.87
CA VAL A 136 4.73 -5.28 18.96
C VAL A 136 4.63 -6.08 17.64
N PHE A 137 3.41 -6.30 17.19
CA PHE A 137 3.17 -7.01 15.94
C PHE A 137 3.87 -6.31 14.76
N ASP A 138 3.65 -5.02 14.65
CA ASP A 138 4.28 -4.25 13.62
C ASP A 138 5.78 -4.42 13.61
N ARG A 139 6.41 -4.43 14.79
CA ARG A 139 7.86 -4.60 14.86
C ARG A 139 8.28 -6.00 14.38
N LYS A 140 7.45 -7.00 14.67
CA LYS A 140 7.66 -8.34 14.14
C LYS A 140 7.62 -8.29 12.58
N LEU A 141 6.57 -7.66 12.03
CA LEU A 141 6.43 -7.52 10.57
C LEU A 141 7.68 -6.87 10.02
N ARG A 142 8.16 -5.81 10.68
CA ARG A 142 9.31 -5.08 10.18
C ARG A 142 10.62 -5.91 10.15
N SER A 143 10.71 -6.92 11.01
CA SER A 143 11.92 -7.71 11.15
C SER A 143 12.00 -8.89 10.15
N ARG A 145 12.56 -11.32 7.25
CA ARG A 145 13.69 -11.40 6.33
C ARG A 145 13.27 -11.52 4.85
N GLU A 146 12.31 -12.38 4.56
CA GLU A 146 11.96 -12.70 3.18
C GLU A 146 10.74 -11.88 2.65
N ASN A 148 9.77 -8.34 2.84
CA ASN A 148 10.42 -7.11 3.15
C ASN A 148 9.37 -5.99 3.37
N TYR A 149 9.25 -5.55 4.61
CA TYR A 149 8.16 -4.60 5.03
C TYR A 149 8.08 -3.37 4.20
N ILE A 150 6.85 -3.02 3.83
CA ILE A 150 6.56 -1.72 3.25
C ILE A 150 5.63 -0.90 4.18
N SER A 151 4.52 -1.47 4.60
CA SER A 151 3.66 -0.74 5.51
C SER A 151 2.74 -1.70 6.20
N TYR A 152 2.16 -1.26 7.29
CA TYR A 152 1.14 -2.05 7.96
C TYR A 152 0.12 -1.12 8.63
N ASN A 153 -1.13 -1.23 8.24
CA ASN A 153 -2.17 -0.38 8.77
C ASN A 153 -3.06 -1.25 9.68
N PRO A 154 -3.00 -0.99 10.99
CA PRO A 154 -3.77 -1.76 11.94
C PRO A 154 -5.26 -1.58 11.78
N PHE A 155 -5.70 -0.49 11.16
CA PHE A 155 -7.12 -0.29 10.87
C PHE A 155 -7.44 -0.98 9.56
N GLY A 156 -7.70 -2.28 9.69
CA GLY A 156 -8.02 -3.13 8.56
C GLY A 156 -7.02 -4.26 8.42
N GLY A 157 -5.91 -4.18 9.14
CA GLY A 157 -4.89 -5.21 9.10
C GLY A 157 -4.23 -5.36 7.74
N THR A 158 -3.94 -4.24 7.07
CA THR A 158 -3.38 -4.25 5.73
C THR A 158 -1.85 -4.20 5.76
N TRP A 159 -1.23 -5.30 5.35
CA TRP A 159 0.23 -5.49 5.38
C TRP A 159 0.73 -5.51 3.96
N THR A 160 1.63 -4.59 3.62
CA THR A 160 2.25 -4.53 2.33
C THR A 160 3.75 -4.81 2.52
N PHE A 161 4.25 -5.66 1.62
CA PHE A 161 5.62 -6.09 1.62
C PHE A 161 6.09 -6.50 0.25
N LYS A 162 7.40 -6.58 0.05
CA LYS A 162 8.01 -6.95 -1.25
C LYS A 162 8.71 -8.28 -1.08
N VAL A 163 8.59 -9.16 -2.07
CA VAL A 163 9.36 -10.43 -2.14
C VAL A 163 10.20 -10.39 -3.42
N ASN A 164 11.35 -11.05 -3.37
CA ASN A 164 12.21 -11.17 -4.50
C ASN A 164 11.83 -12.30 -5.43
N HIS A 165 10.99 -13.20 -4.97
CA HIS A 165 10.57 -14.38 -5.72
C HIS A 165 9.71 -15.17 -4.79
N PHE A 166 9.29 -16.35 -5.23
CA PHE A 166 8.37 -17.16 -4.48
C PHE A 166 8.98 -18.57 -4.29
N GLU A 167 10.30 -18.68 -4.14
CA GLU A 167 10.98 -19.99 -4.00
C GLU A 167 10.62 -20.67 -2.70
N HIS B 14 -17.51 22.62 16.05
CA HIS B 14 -17.99 21.41 15.31
C HIS B 14 -17.04 21.05 14.17
N GLU B 15 -16.63 22.06 13.41
CA GLU B 15 -15.61 21.90 12.37
C GLU B 15 -14.26 21.39 12.92
N LYS B 16 -14.14 21.22 14.25
CA LYS B 16 -13.01 20.49 14.87
C LYS B 16 -13.07 18.95 14.69
N SER B 17 -14.08 18.48 13.95
CA SER B 17 -14.02 17.18 13.29
C SER B 17 -12.97 17.13 12.13
N SER B 18 -12.35 18.27 11.86
CA SER B 18 -11.23 18.35 10.93
C SER B 18 -10.05 17.52 11.48
N SER B 19 -10.07 17.19 12.77
CA SER B 19 -9.05 16.30 13.36
C SER B 19 -9.57 14.89 13.65
N PHE B 20 -10.78 14.60 13.21
CA PHE B 20 -11.40 13.28 13.43
C PHE B 20 -10.77 12.19 12.54
N GLY B 21 -10.44 11.04 13.13
CA GLY B 21 -9.89 9.91 12.40
C GLY B 21 -8.36 9.86 12.33
N TYR B 22 -7.65 10.92 12.66
CA TYR B 22 -6.16 10.86 12.58
C TYR B 22 -5.61 9.95 13.65
N TRP B 23 -4.46 9.35 13.35
CA TRP B 23 -3.69 8.55 14.30
C TRP B 23 -2.19 8.56 13.92
N CYS B 24 -1.34 8.21 14.87
CA CYS B 24 0.08 8.00 14.54
C CYS B 24 0.73 7.01 15.47
N SER B 25 1.93 6.57 15.05
CA SER B 25 2.76 5.67 15.83
C SER B 25 4.22 6.08 15.68
N PRO B 26 4.94 6.37 16.78
CA PRO B 26 4.47 6.39 18.18
C PRO B 26 3.32 7.34 18.35
N SER B 27 2.42 7.00 19.29
CA SER B 27 1.24 7.81 19.56
C SER B 27 1.63 9.15 20.11
N PRO B 28 0.68 10.10 20.08
CA PRO B 28 1.03 11.40 20.66
C PRO B 28 1.47 11.34 22.16
N GLU B 29 0.85 10.45 22.89
CA GLU B 29 1.18 10.22 24.31
C GLU B 29 2.57 9.63 24.47
N GLN B 30 2.92 8.66 23.61
CA GLN B 30 4.29 8.16 23.59
C GLN B 30 5.28 9.23 23.16
N LEU B 31 4.94 10.07 22.18
CA LEU B 31 5.88 11.11 21.76
C LEU B 31 6.25 12.12 22.88
N GLU B 32 5.25 12.48 23.67
CA GLU B 32 5.48 13.46 24.73
C GLU B 32 6.35 12.90 25.86
N ARG B 33 6.45 11.58 25.94
CA ARG B 33 7.37 10.96 26.90
C ARG B 33 8.81 10.89 26.44
N LEU B 34 9.12 11.35 25.23
CA LEU B 34 10.48 11.26 24.69
C LEU B 34 11.28 12.50 25.06
N SER B 35 12.61 12.35 25.20
CA SER B 35 13.49 13.52 25.30
C SER B 35 13.55 14.27 23.98
N LEU B 36 13.99 15.53 24.01
CA LEU B 36 14.21 16.29 22.80
C LEU B 36 15.16 15.59 21.86
N LYS B 37 16.17 14.93 22.43
CA LYS B 37 17.15 14.21 21.65
C LYS B 37 16.48 13.06 20.91
N GLN B 38 15.68 12.27 21.61
CA GLN B 38 14.94 11.20 20.98
C GLN B 38 13.93 11.71 19.92
N LEU B 39 13.39 12.90 20.18
CA LEU B 39 12.32 13.45 19.37
C LEU B 39 12.88 13.98 18.05
N ALA B 40 14.19 14.18 18.01
CA ALA B 40 14.88 14.68 16.85
C ALA B 40 15.10 13.59 15.78
N ALA B 41 14.88 12.34 16.17
CA ALA B 41 15.21 11.19 15.37
C ALA B 41 14.26 10.10 15.74
N VAL B 42 12.97 10.30 15.49
CA VAL B 42 12.00 9.24 15.74
C VAL B 42 11.98 8.26 14.55
N SER B 43 12.15 6.97 14.87
CA SER B 43 12.19 5.86 13.92
C SER B 43 10.80 5.27 13.77
N ASN B 44 10.53 4.73 12.59
CA ASN B 44 9.32 4.02 12.34
C ASN B 44 8.10 4.91 12.56
N PHE B 45 8.19 6.19 12.24
CA PHE B 45 7.01 7.09 12.33
C PHE B 45 6.01 6.81 11.21
N VAL B 46 4.73 6.67 11.58
CA VAL B 46 3.62 6.42 10.70
C VAL B 46 2.52 7.38 11.13
N ILE B 47 1.87 8.05 10.17
CA ILE B 47 0.73 8.89 10.52
C ILE B 47 -0.34 8.64 9.46
N GLY B 48 -1.56 8.41 9.90
CA GLY B 48 -2.67 8.28 8.96
C GLY B 48 -3.97 8.90 9.44
N ARG B 49 -4.99 8.73 8.61
CA ARG B 49 -6.38 9.11 8.89
C ARG B 49 -7.30 8.02 8.43
N ARG B 50 -8.04 7.43 9.37
CA ARG B 50 -8.94 6.32 9.07
C ARG B 50 -9.92 6.63 7.96
N GLY B 51 -9.95 5.78 6.95
CA GLY B 51 -10.78 6.01 5.76
C GLY B 51 -10.15 6.85 4.68
N TYR B 52 -8.93 7.35 4.90
CA TYR B 52 -8.29 8.21 3.92
C TYR B 52 -6.92 7.68 3.48
N GLY B 53 -6.12 7.20 4.42
CA GLY B 53 -4.77 6.68 4.09
C GLY B 53 -3.80 6.73 5.25
N CYS B 54 -2.51 6.63 4.88
CA CYS B 54 -1.41 6.52 5.82
CA CYS B 54 -1.42 6.67 5.83
C CYS B 54 -0.08 6.91 5.14
N ILE B 55 0.83 7.47 5.93
CA ILE B 55 2.16 7.79 5.56
C ILE B 55 3.11 7.01 6.45
N THR B 56 4.04 6.30 5.82
CA THR B 56 5.04 5.44 6.53
C THR B 56 6.38 6.00 6.15
N PHE B 57 7.01 6.73 7.06
CA PHE B 57 8.25 7.40 6.76
C PHE B 57 9.39 6.37 6.63
N GLN B 58 10.29 6.61 5.68
CA GLN B 58 11.35 5.65 5.38
C GLN B 58 12.65 5.97 6.16
N HIS B 59 12.77 7.18 6.65
CA HIS B 59 13.90 7.58 7.48
C HIS B 59 13.35 8.11 8.81
N ASP B 60 14.26 8.30 9.76
CA ASP B 60 13.96 9.00 11.03
C ASP B 60 13.41 10.37 10.72
N VAL B 61 12.47 10.83 11.54
CA VAL B 61 11.96 12.17 11.38
C VAL B 61 12.22 13.02 12.64
N ASP B 62 12.25 14.33 12.48
CA ASP B 62 12.47 15.25 13.59
C ASP B 62 11.11 15.86 13.89
N LEU B 63 10.58 15.50 15.05
CA LEU B 63 9.30 15.99 15.52
C LEU B 63 9.39 17.11 16.57
N THR B 64 10.56 17.72 16.70
CA THR B 64 10.79 18.70 17.76
C THR B 64 10.01 20.01 17.56
N ALA B 65 9.60 20.38 16.33
CA ALA B 65 8.74 21.55 16.15
C ALA B 65 7.30 21.42 16.68
N PHE B 66 6.87 20.23 17.10
CA PHE B 66 5.47 19.98 17.43
C PHE B 66 5.19 19.78 18.93
N THR B 67 6.19 20.02 19.77
CA THR B 67 6.08 19.79 21.24
C THR B 67 4.98 20.59 21.95
N LYS B 68 4.41 21.63 21.32
CA LYS B 68 3.29 22.38 21.93
C LYS B 68 2.06 21.50 22.10
N SER B 69 1.83 20.61 21.13
CA SER B 69 0.80 19.58 21.21
C SER B 69 0.94 18.75 19.95
N PHE B 70 1.39 17.52 20.09
CA PHE B 70 1.56 16.63 18.95
C PHE B 70 0.24 16.45 18.27
N ARG B 71 -0.82 16.22 19.04
CA ARG B 71 -2.11 15.95 18.48
C ARG B 71 -2.59 17.15 17.65
N GLU B 72 -2.49 18.33 18.23
CA GLU B 72 -3.03 19.52 17.61
C GLU B 72 -2.14 20.02 16.44
N GLU B 73 -0.83 19.86 16.55
CA GLU B 73 0.06 20.30 15.45
C GLU B 73 -0.02 19.34 14.26
N LEU B 74 -0.01 18.05 14.51
CA LEU B 74 0.07 17.07 13.43
C LEU B 74 -1.28 16.77 12.79
N PHE B 75 -2.32 16.59 13.62
CA PHE B 75 -3.55 16.02 13.11
C PHE B 75 -4.42 17.05 12.41
N GLY B 76 -4.26 17.15 11.09
CA GLY B 76 -5.09 18.05 10.31
C GLY B 76 -4.56 19.45 10.18
N LYS B 77 -3.35 19.67 10.65
CA LYS B 77 -2.69 20.92 10.46
C LYS B 77 -1.39 20.72 9.68
N ILE B 78 -0.42 20.01 10.25
CA ILE B 78 0.87 19.76 9.54
C ILE B 78 0.69 18.67 8.48
N VAL B 79 -0.10 17.67 8.81
CA VAL B 79 -0.48 16.63 7.91
C VAL B 79 -1.99 16.67 7.68
N ILE B 80 -2.44 16.78 6.44
CA ILE B 80 -3.90 16.80 6.17
C ILE B 80 -4.28 15.77 5.15
N PHE B 81 -5.13 14.82 5.52
CA PHE B 81 -5.75 13.96 4.56
C PHE B 81 -7.11 14.55 4.18
N ARG B 82 -7.30 14.85 2.90
CA ARG B 82 -8.52 15.52 2.45
C ARG B 82 -9.52 14.59 1.81
N SER B 83 -10.79 15.03 1.85
CA SER B 83 -11.87 14.27 1.20
CA SER B 83 -11.89 14.32 1.19
C SER B 83 -11.71 14.34 -0.31
N SER B 84 -10.89 15.26 -0.80
CA SER B 84 -10.52 15.27 -2.19
C SER B 84 -9.56 14.11 -2.56
N LYS B 85 -9.37 13.16 -1.63
CA LYS B 85 -8.50 11.98 -1.81
C LYS B 85 -7.02 12.30 -2.02
N THR B 86 -6.54 13.34 -1.33
CA THR B 86 -5.16 13.76 -1.37
C THR B 86 -4.59 13.84 0.05
N VAL B 87 -3.27 14.00 0.12
CA VAL B 87 -2.60 14.25 1.40
C VAL B 87 -1.56 15.33 1.21
N GLU B 88 -1.47 16.25 2.17
CA GLU B 88 -0.48 17.31 2.19
C GLU B 88 0.29 17.27 3.48
N VAL B 89 1.60 17.49 3.41
CA VAL B 89 2.43 17.59 4.61
C VAL B 89 3.07 18.96 4.49
N TYR B 90 3.02 19.76 5.57
CA TYR B 90 3.42 21.18 5.58
C TYR B 90 2.65 22.01 4.53
N PRO B 91 1.32 22.05 4.65
CA PRO B 91 0.56 22.85 3.66
C PRO B 91 0.93 24.33 3.64
N ASP B 92 1.46 24.83 4.74
CA ASP B 92 2.02 26.18 4.84
C ASP B 92 3.54 26.18 4.58
N GLU B 93 3.98 26.73 3.46
CA GLU B 93 5.41 26.76 3.12
C GLU B 93 6.35 27.28 4.22
N ALA B 94 5.90 28.30 4.97
CA ALA B 94 6.73 28.86 6.04
C ALA B 94 6.98 27.87 7.15
N THR B 95 6.15 26.84 7.29
CA THR B 95 6.47 25.78 8.26
C THR B 95 7.37 24.68 7.67
N LYS B 96 7.64 24.75 6.36
CA LYS B 96 8.30 23.66 5.63
C LYS B 96 9.85 23.69 5.75
N PRO B 97 10.41 22.74 6.48
CA PRO B 97 11.82 22.67 6.64
C PRO B 97 12.54 22.17 5.39
N ILE B 99 14.95 19.91 2.92
CA ILE B 99 14.93 18.50 2.56
C ILE B 99 15.75 17.75 3.57
N GLY B 100 15.22 16.68 4.12
CA GLY B 100 15.89 15.87 5.11
C GLY B 100 15.55 16.28 6.53
N HIS B 101 14.98 17.48 6.71
CA HIS B 101 14.67 18.00 8.04
C HIS B 101 13.19 17.77 8.33
N GLY B 102 12.86 17.76 9.64
CA GLY B 102 11.49 17.61 10.04
C GLY B 102 10.89 16.34 9.50
N LEU B 103 9.72 16.46 8.87
CA LEU B 103 9.06 15.34 8.20
C LEU B 103 9.37 15.32 6.70
N ASN B 104 10.24 16.21 6.23
CA ASN B 104 10.50 16.35 4.80
C ASN B 104 11.53 15.28 4.36
N VAL B 105 11.14 14.02 4.50
CA VAL B 105 11.97 12.87 4.24
C VAL B 105 11.17 11.89 3.41
N PRO B 106 11.84 10.89 2.77
CA PRO B 106 11.06 9.91 1.97
C PRO B 106 10.03 9.09 2.76
N ALA B 107 8.94 8.79 2.05
CA ALA B 107 7.81 8.20 2.66
C ALA B 107 7.04 7.35 1.66
N ILE B 108 6.48 6.28 2.15
CA ILE B 108 5.52 5.46 1.42
C ILE B 108 4.14 5.88 1.87
N ILE B 109 3.29 6.22 0.91
CA ILE B 109 1.94 6.71 1.16
C ILE B 109 0.92 5.76 0.54
N THR B 110 -0.12 5.41 1.30
CA THR B 110 -1.34 4.79 0.72
C THR B 110 -2.49 5.80 0.83
N LEU B 111 -3.20 6.04 -0.27
CA LEU B 111 -4.41 6.85 -0.29
C LEU B 111 -5.56 5.93 -0.67
N GLU B 112 -6.68 6.07 0.02
CA GLU B 112 -7.84 5.20 -0.19
C GLU B 112 -8.89 5.91 -1.03
N ASN B 113 -9.73 5.15 -1.71
CA ASN B 113 -10.82 5.69 -2.55
C ASN B 113 -10.38 6.60 -3.65
N VAL B 114 -9.23 6.24 -4.27
CA VAL B 114 -8.70 6.96 -5.41
C VAL B 114 -9.24 6.27 -6.68
N TYR B 115 -9.93 7.04 -7.52
CA TYR B 115 -10.65 6.47 -8.68
C TYR B 115 -10.52 7.38 -9.87
N PRO B 116 -10.74 6.84 -11.09
CA PRO B 116 -10.87 7.77 -12.21
C PRO B 116 -12.15 8.62 -11.97
N VAL B 117 -12.18 9.84 -12.47
CA VAL B 117 -13.34 10.74 -12.37
C VAL B 117 -14.00 10.88 -13.75
N ASP B 118 -15.34 10.84 -13.81
CA ASP B 118 -16.12 11.15 -15.04
C ASP B 118 -15.71 12.48 -15.65
N THR B 121 -19.17 14.99 -14.73
CA THR B 121 -19.79 15.18 -13.42
C THR B 121 -18.73 15.42 -12.34
N LYS B 122 -17.46 15.26 -12.69
CA LYS B 122 -16.35 15.27 -11.74
C LYS B 122 -16.48 14.24 -10.59
N LYS B 123 -17.56 13.43 -10.62
CA LYS B 123 -17.76 12.35 -9.67
C LYS B 123 -16.80 11.19 -9.97
N PRO B 124 -16.41 10.42 -8.92
CA PRO B 124 -15.54 9.27 -9.14
C PRO B 124 -16.25 8.16 -9.87
N LYS B 126 -16.48 4.43 -10.04
CA LYS B 126 -16.12 3.35 -9.14
C LYS B 126 -16.64 1.99 -9.63
N ASP B 127 -17.11 1.92 -10.88
CA ASP B 127 -17.69 0.68 -11.43
C ASP B 127 -16.60 -0.19 -12.03
N THR B 128 -16.26 -1.25 -11.30
CA THR B 128 -15.08 -2.07 -11.57
C THR B 128 -15.29 -3.12 -12.66
N THR B 129 -16.50 -3.15 -13.22
CA THR B 129 -16.76 -3.93 -14.42
C THR B 129 -16.21 -3.18 -15.65
N LYS B 130 -16.02 -1.85 -15.52
CA LYS B 130 -15.43 -1.04 -16.58
C LYS B 130 -13.91 -1.15 -16.48
N PHE B 131 -13.41 -2.33 -16.78
CA PHE B 131 -12.06 -2.65 -16.42
C PHE B 131 -11.06 -1.89 -17.26
N ALA B 132 -11.40 -1.61 -18.52
CA ALA B 132 -10.48 -0.91 -19.39
C ALA B 132 -10.17 0.49 -18.85
N GLU B 133 -11.18 1.21 -18.34
CA GLU B 133 -10.94 2.55 -17.83
C GLU B 133 -10.08 2.49 -16.56
N PHE B 134 -10.22 1.45 -15.76
CA PHE B 134 -9.30 1.26 -14.59
C PHE B 134 -7.85 0.97 -15.00
N GLN B 135 -7.68 0.19 -16.08
CA GLN B 135 -6.35 -0.08 -16.64
C GLN B 135 -5.75 1.19 -17.21
N VAL B 136 -6.56 2.02 -17.84
CA VAL B 136 -6.06 3.32 -18.29
C VAL B 136 -5.58 4.22 -17.13
N PHE B 137 -6.41 4.32 -16.12
CA PHE B 137 -6.09 5.11 -14.93
C PHE B 137 -4.83 4.54 -14.25
N ASP B 138 -4.77 3.23 -14.14
CA ASP B 138 -3.61 2.57 -13.51
C ASP B 138 -2.32 2.90 -14.29
N ARG B 139 -2.36 2.95 -15.63
CA ARG B 139 -1.18 3.33 -16.38
C ARG B 139 -0.78 4.75 -16.14
N LYS B 140 -1.76 5.64 -15.96
CA LYS B 140 -1.50 7.03 -15.59
C LYS B 140 -0.78 7.12 -14.23
N LEU B 141 -1.29 6.40 -13.26
CA LEU B 141 -0.64 6.33 -11.96
C LEU B 141 0.79 5.81 -12.09
N ARG B 142 0.96 4.72 -12.85
CA ARG B 142 2.29 4.18 -13.08
C ARG B 142 3.27 5.11 -13.76
N SER B 143 2.76 6.02 -14.57
CA SER B 143 3.61 6.97 -15.27
C SER B 143 3.99 8.22 -14.46
N ARG B 145 5.78 10.86 -12.17
CA ARG B 145 7.23 10.99 -11.87
C ARG B 145 7.50 11.19 -10.36
N GLU B 146 6.80 12.14 -9.74
CA GLU B 146 7.03 12.49 -8.34
C GLU B 146 6.45 11.48 -7.31
N ASN B 148 6.07 7.87 -7.03
CA ASN B 148 6.54 6.64 -7.63
CA ASN B 148 6.50 6.64 -7.67
C ASN B 148 5.64 5.46 -7.29
N TYR B 149 4.98 4.92 -8.31
CA TYR B 149 3.95 3.88 -8.15
C TYR B 149 4.47 2.67 -7.43
N ILE B 150 3.72 2.17 -6.45
CA ILE B 150 3.99 0.89 -5.88
C ILE B 150 2.87 -0.10 -6.23
N SER B 151 1.61 0.28 -6.01
CA SER B 151 0.45 -0.51 -6.41
C SER B 151 -0.82 0.31 -6.49
N TYR B 152 -1.86 -0.30 -7.05
CA TYR B 152 -3.19 0.31 -7.14
C TYR B 152 -4.21 -0.81 -7.23
N ASN B 153 -5.08 -0.89 -6.24
CA ASN B 153 -6.14 -1.86 -6.24
C ASN B 153 -7.47 -1.12 -6.56
N PRO B 154 -8.06 -1.42 -7.70
CA PRO B 154 -9.32 -0.82 -8.13
C PRO B 154 -10.49 -1.19 -7.22
N PHE B 155 -10.39 -2.28 -6.45
CA PHE B 155 -11.44 -2.63 -5.48
C PHE B 155 -11.14 -1.92 -4.17
N GLY B 156 -11.65 -0.70 -4.04
CA GLY B 156 -11.31 0.18 -2.91
C GLY B 156 -10.54 1.42 -3.30
N GLY B 157 -10.02 1.47 -4.53
CA GLY B 157 -9.20 2.60 -4.97
C GLY B 157 -7.99 2.84 -4.08
N THR B 158 -7.27 1.78 -3.77
CA THR B 158 -6.13 1.91 -2.87
C THR B 158 -4.84 2.13 -3.66
N TRP B 159 -4.35 3.37 -3.63
CA TRP B 159 -3.13 3.79 -4.31
C TRP B 159 -1.93 3.91 -3.35
N THR B 160 -0.90 3.08 -3.57
CA THR B 160 0.33 3.12 -2.77
C THR B 160 1.48 3.56 -3.65
N PHE B 161 2.24 4.52 -3.15
CA PHE B 161 3.31 5.12 -3.88
C PHE B 161 4.36 5.64 -2.92
N LYS B 162 5.52 5.99 -3.47
CA LYS B 162 6.63 6.54 -2.69
C LYS B 162 6.97 7.93 -3.14
N VAL B 163 7.20 8.82 -2.18
CA VAL B 163 7.74 10.14 -2.46
C VAL B 163 9.10 10.27 -1.72
N ASN B 164 9.99 11.06 -2.28
CA ASN B 164 11.30 11.30 -1.69
C ASN B 164 11.37 12.56 -0.83
N HIS B 165 10.35 13.39 -0.94
CA HIS B 165 10.34 14.67 -0.26
C HIS B 165 8.92 15.22 -0.34
N PHE B 166 8.69 16.38 0.26
CA PHE B 166 7.36 17.03 0.21
C PHE B 166 7.49 18.46 -0.26
N GLU B 167 8.44 18.73 -1.14
CA GLU B 167 8.56 20.05 -1.73
C GLU B 167 7.45 20.33 -2.72
N GLY B 168 7.09 21.59 -2.90
CA GLY B 168 6.04 21.95 -3.89
C GLY B 168 4.63 21.73 -3.35
#